data_2OUX
#
_entry.id   2OUX
#
_cell.length_a   77.215
_cell.length_b   79.662
_cell.length_c   105.886
_cell.angle_alpha   90.00
_cell.angle_beta   90.00
_cell.angle_gamma   90.00
#
_symmetry.space_group_name_H-M   'P 21 21 21'
#
loop_
_entity.id
_entity.type
_entity.pdbx_description
1 polymer 'Magnesium transporter'
2 non-polymer 'MAGNESIUM ION'
3 water water
#
_entity_poly.entity_id   1
_entity_poly.type   'polypeptide(L)'
_entity_poly.pdbx_seq_one_letter_code
;SLNEGQE(MSE)EEQFALLLETLKNQQ(MSE)NEFRELFLALHIYEQGQFYQSLDEKDRQHLYNYLSPKELAD(MSE)FD
VIEEDNEN(MSE)KDYLAE(MSE)RPSYAAD(MSE)LAE(MSE)YTDNAVDLLN(MSE)LDKSQKAKYLSLLSSEEAGEI
KELLHYEDETAGAI(MSE)TTEFVSIVANQTVRSA(MSE)YVLKNQAD(MSE)AETIYYVYVVDQENHLVGVISLRDLIV
NDDDTLIADILNERVISVHVGDDQEDVAQTIRDYDFLAVPVTDYDDHLLGIVTVDDIIDVIDDEAASDYSGLAGVDVEEV
SENPLKAASK
;
_entity_poly.pdbx_strand_id   A,B
#
loop_
_chem_comp.id
_chem_comp.type
_chem_comp.name
_chem_comp.formula
MG non-polymer 'MAGNESIUM ION' 'Mg 2'
#
# COMPACT_ATOMS: atom_id res chain seq x y z
N GLU A 7 7.89 -22.06 -14.82
CA GLU A 7 7.17 -20.78 -14.54
C GLU A 7 5.66 -21.00 -14.56
N MSE A 8 4.95 -19.93 -14.91
CA MSE A 8 3.50 -19.93 -14.98
C MSE A 8 2.98 -21.09 -15.81
O MSE A 8 2.07 -21.82 -15.40
CB MSE A 8 3.02 -18.63 -15.60
CG MSE A 8 1.60 -18.28 -15.21
SE MSE A 8 1.54 -18.23 -13.30
CE MSE A 8 2.41 -16.52 -13.05
N GLU A 9 3.56 -21.27 -16.99
CA GLU A 9 3.15 -22.33 -17.89
C GLU A 9 3.12 -23.70 -17.20
N GLU A 10 4.26 -24.11 -16.66
CA GLU A 10 4.36 -25.39 -15.98
C GLU A 10 3.23 -25.60 -14.98
N GLN A 11 3.09 -24.68 -14.03
CA GLN A 11 2.04 -24.78 -13.02
C GLN A 11 0.64 -24.93 -13.61
N PHE A 12 0.31 -24.06 -14.57
CA PHE A 12 -1.00 -24.12 -15.20
C PHE A 12 -1.27 -25.48 -15.83
N ALA A 13 -0.24 -26.05 -16.47
CA ALA A 13 -0.37 -27.36 -17.12
C ALA A 13 -0.74 -28.45 -16.12
N LEU A 14 -0.09 -28.46 -14.97
CA LEU A 14 -0.39 -29.43 -13.93
C LEU A 14 -1.81 -29.19 -13.46
N LEU A 15 -2.14 -27.92 -13.26
CA LEU A 15 -3.47 -27.52 -12.82
C LEU A 15 -4.55 -28.01 -13.78
N LEU A 16 -4.34 -27.80 -15.08
CA LEU A 16 -5.30 -28.24 -16.10
C LEU A 16 -5.54 -29.73 -16.04
N GLU A 17 -4.49 -30.49 -15.73
CA GLU A 17 -4.61 -31.93 -15.65
C GLU A 17 -5.42 -32.38 -14.44
N THR A 18 -5.17 -31.80 -13.28
CA THR A 18 -5.92 -32.19 -12.09
C THR A 18 -7.37 -31.84 -12.34
N LEU A 19 -7.59 -30.81 -13.14
CA LEU A 19 -8.93 -30.35 -13.48
C LEU A 19 -9.63 -31.39 -14.32
N LYS A 20 -8.99 -31.78 -15.42
CA LYS A 20 -9.56 -32.78 -16.33
C LYS A 20 -9.77 -34.11 -15.60
N ASN A 21 -8.75 -34.61 -14.92
CA ASN A 21 -8.86 -35.86 -14.19
C ASN A 21 -9.81 -35.72 -13.00
N GLN A 22 -10.45 -34.57 -12.90
CA GLN A 22 -11.40 -34.31 -11.83
C GLN A 22 -10.88 -34.67 -10.43
N GLN A 23 -9.66 -34.25 -10.15
CA GLN A 23 -9.02 -34.49 -8.85
C GLN A 23 -9.28 -33.25 -7.99
N MSE A 24 -10.52 -33.09 -7.55
CA MSE A 24 -10.94 -31.94 -6.75
C MSE A 24 -9.93 -31.42 -5.73
O MSE A 24 -9.54 -30.25 -5.79
CB MSE A 24 -12.26 -32.24 -6.05
CG MSE A 24 -12.78 -31.08 -5.19
SE MSE A 24 -14.63 -31.27 -4.60
CE MSE A 24 -14.30 -31.86 -2.78
N ASN A 25 -9.52 -32.26 -4.79
CA ASN A 25 -8.60 -31.84 -3.75
C ASN A 25 -7.21 -31.41 -4.25
N GLU A 26 -6.68 -32.13 -5.24
CA GLU A 26 -5.37 -31.78 -5.80
C GLU A 26 -5.51 -30.41 -6.47
N PHE A 27 -6.62 -30.24 -7.19
CA PHE A 27 -6.91 -29.00 -7.88
C PHE A 27 -6.95 -27.84 -6.89
N ARG A 28 -7.81 -27.95 -5.89
CA ARG A 28 -7.96 -26.93 -4.87
C ARG A 28 -6.64 -26.51 -4.26
N GLU A 29 -5.84 -27.48 -3.84
CA GLU A 29 -4.53 -27.21 -3.24
C GLU A 29 -3.67 -26.33 -4.13
N LEU A 30 -3.57 -26.71 -5.41
CA LEU A 30 -2.76 -25.99 -6.37
C LEU A 30 -3.35 -24.61 -6.68
N PHE A 31 -4.60 -24.60 -7.14
CA PHE A 31 -5.29 -23.36 -7.48
C PHE A 31 -5.22 -22.33 -6.36
N LEU A 32 -5.62 -22.75 -5.17
CA LEU A 32 -5.64 -21.87 -4.00
C LEU A 32 -4.24 -21.46 -3.53
N ALA A 33 -3.21 -22.06 -4.10
CA ALA A 33 -1.84 -21.70 -3.72
C ALA A 33 -1.37 -20.54 -4.61
N LEU A 34 -2.10 -20.32 -5.70
CA LEU A 34 -1.79 -19.24 -6.63
C LEU A 34 -2.37 -17.94 -6.12
N HIS A 35 -1.71 -16.83 -6.43
CA HIS A 35 -2.15 -15.49 -6.07
C HIS A 35 -3.42 -15.28 -6.90
N ILE A 36 -4.39 -14.54 -6.39
CA ILE A 36 -5.64 -14.32 -7.12
C ILE A 36 -5.49 -13.82 -8.56
N TYR A 37 -4.41 -13.09 -8.86
CA TYR A 37 -4.21 -12.62 -10.22
C TYR A 37 -3.82 -13.77 -11.14
N GLU A 38 -3.02 -14.70 -10.61
CA GLU A 38 -2.62 -15.87 -11.40
C GLU A 38 -3.86 -16.75 -11.57
N GLN A 39 -4.70 -16.79 -10.53
CA GLN A 39 -5.93 -17.57 -10.58
C GLN A 39 -6.78 -17.03 -11.73
N GLY A 40 -6.78 -15.70 -11.89
CA GLY A 40 -7.55 -15.09 -12.96
C GLY A 40 -7.04 -15.46 -14.34
N GLN A 41 -5.73 -15.47 -14.52
CA GLN A 41 -5.15 -15.81 -15.80
C GLN A 41 -5.43 -17.27 -16.15
N PHE A 42 -5.24 -18.16 -15.18
CA PHE A 42 -5.52 -19.57 -15.40
C PHE A 42 -6.96 -19.71 -15.86
N TYR A 43 -7.88 -19.16 -15.08
CA TYR A 43 -9.30 -19.21 -15.39
C TYR A 43 -9.70 -18.62 -16.74
N GLN A 44 -9.05 -17.53 -17.13
CA GLN A 44 -9.36 -16.89 -18.41
C GLN A 44 -8.75 -17.63 -19.60
N SER A 45 -8.07 -18.74 -19.33
CA SER A 45 -7.47 -19.53 -20.41
C SER A 45 -8.35 -20.74 -20.69
N LEU A 46 -9.11 -21.16 -19.68
CA LEU A 46 -9.98 -22.32 -19.79
C LEU A 46 -11.11 -22.18 -20.80
N ASP A 47 -11.47 -23.29 -21.43
CA ASP A 47 -12.57 -23.33 -22.39
C ASP A 47 -13.83 -23.37 -21.53
N GLU A 48 -15.00 -23.26 -22.14
CA GLU A 48 -16.23 -23.27 -21.37
C GLU A 48 -16.43 -24.53 -20.54
N LYS A 49 -15.92 -25.65 -21.03
CA LYS A 49 -16.06 -26.92 -20.33
C LYS A 49 -15.32 -26.91 -18.99
N ASP A 50 -14.03 -26.56 -19.04
CA ASP A 50 -13.23 -26.52 -17.84
C ASP A 50 -13.70 -25.46 -16.83
N ARG A 51 -14.28 -24.38 -17.30
CA ARG A 51 -14.77 -23.35 -16.39
C ARG A 51 -15.85 -23.96 -15.51
N GLN A 52 -16.71 -24.75 -16.14
CA GLN A 52 -17.81 -25.41 -15.43
C GLN A 52 -17.31 -26.28 -14.28
N HIS A 53 -16.30 -27.10 -14.55
CA HIS A 53 -15.72 -27.97 -13.52
C HIS A 53 -15.24 -27.09 -12.40
N LEU A 54 -14.56 -26.01 -12.78
CA LEU A 54 -14.00 -25.08 -11.82
C LEU A 54 -15.05 -24.52 -10.87
N TYR A 55 -16.26 -24.26 -11.39
CA TYR A 55 -17.35 -23.75 -10.55
C TYR A 55 -17.76 -24.81 -9.53
N ASN A 56 -17.53 -26.08 -9.86
CA ASN A 56 -17.89 -27.16 -8.95
C ASN A 56 -16.88 -27.39 -7.82
N TYR A 57 -15.65 -26.92 -8.00
CA TYR A 57 -14.63 -27.12 -6.98
C TYR A 57 -14.35 -25.89 -6.11
N LEU A 58 -14.95 -24.76 -6.46
CA LEU A 58 -14.74 -23.54 -5.70
C LEU A 58 -16.04 -22.95 -5.18
N SER A 59 -16.00 -22.48 -3.94
CA SER A 59 -17.17 -21.89 -3.33
C SER A 59 -17.36 -20.48 -3.89
N PRO A 60 -18.55 -19.89 -3.70
CA PRO A 60 -18.77 -18.54 -4.21
C PRO A 60 -17.77 -17.56 -3.63
N LYS A 61 -17.43 -17.72 -2.35
CA LYS A 61 -16.45 -16.85 -1.71
C LYS A 61 -15.12 -16.97 -2.44
N GLU A 62 -14.66 -18.20 -2.61
CA GLU A 62 -13.39 -18.44 -3.29
C GLU A 62 -13.38 -17.91 -4.72
N LEU A 63 -14.49 -18.05 -5.44
CA LEU A 63 -14.52 -17.55 -6.81
C LEU A 63 -14.55 -16.02 -6.80
N ALA A 64 -15.16 -15.45 -5.79
CA ALA A 64 -15.23 -14.00 -5.66
C ALA A 64 -13.83 -13.39 -5.44
N ASP A 65 -12.99 -14.06 -4.67
CA ASP A 65 -11.65 -13.55 -4.42
C ASP A 65 -10.92 -13.35 -5.74
N MSE A 66 -11.21 -14.24 -6.69
CA MSE A 66 -10.56 -14.16 -7.97
C MSE A 66 -11.21 -13.08 -8.85
O MSE A 66 -10.50 -12.28 -9.45
CB MSE A 66 -10.62 -15.51 -8.69
CG MSE A 66 -10.07 -15.46 -10.10
SE MSE A 66 -10.45 -17.03 -11.15
CE MSE A 66 -12.36 -16.82 -11.27
N PHE A 67 -12.54 -13.08 -8.92
CA PHE A 67 -13.22 -12.09 -9.74
C PHE A 67 -12.87 -10.65 -9.34
N ASP A 68 -12.70 -10.41 -8.04
CA ASP A 68 -12.32 -9.08 -7.57
C ASP A 68 -11.24 -8.48 -8.47
N VAL A 69 -10.36 -9.31 -9.02
CA VAL A 69 -9.30 -8.74 -9.84
C VAL A 69 -9.39 -8.92 -11.34
N ILE A 70 -10.35 -9.71 -11.80
CA ILE A 70 -10.52 -9.89 -13.24
C ILE A 70 -11.08 -8.54 -13.75
N GLU A 71 -10.53 -8.05 -14.85
CA GLU A 71 -11.00 -6.78 -15.41
C GLU A 71 -12.48 -6.86 -15.79
N GLU A 72 -13.32 -6.12 -15.07
CA GLU A 72 -14.76 -6.12 -15.31
C GLU A 72 -15.14 -5.65 -16.72
N ASP A 73 -14.18 -5.06 -17.41
CA ASP A 73 -14.40 -4.57 -18.77
C ASP A 73 -14.03 -5.68 -19.74
N ASN A 74 -13.43 -6.73 -19.18
CA ASN A 74 -13.01 -7.92 -19.92
C ASN A 74 -13.86 -8.02 -21.17
N GLU A 75 -15.16 -8.06 -20.94
CA GLU A 75 -16.22 -8.11 -21.93
C GLU A 75 -16.75 -9.51 -22.13
N ASN A 76 -15.97 -10.50 -21.72
CA ASN A 76 -16.44 -11.87 -21.83
C ASN A 76 -17.24 -12.09 -20.56
N MSE A 77 -17.49 -11.00 -19.82
CA MSE A 77 -18.28 -11.10 -18.60
C MSE A 77 -19.62 -11.44 -19.20
O MSE A 77 -19.67 -12.11 -20.23
CB MSE A 77 -18.37 -9.78 -17.81
CG MSE A 77 -17.07 -9.25 -17.20
SE MSE A 77 -16.35 -10.28 -15.71
CE MSE A 77 -14.63 -10.64 -16.50
N LYS A 78 -20.70 -10.98 -18.60
CA LYS A 78 -22.01 -11.30 -19.14
C LYS A 78 -22.18 -12.83 -19.20
N ASP A 79 -21.47 -13.47 -20.14
CA ASP A 79 -21.58 -14.92 -20.25
C ASP A 79 -20.80 -15.71 -19.19
N TYR A 80 -19.77 -15.14 -18.58
CA TYR A 80 -19.08 -15.87 -17.50
C TYR A 80 -20.18 -16.09 -16.48
N LEU A 81 -20.87 -14.99 -16.16
CA LEU A 81 -21.95 -15.03 -15.20
C LEU A 81 -23.16 -15.84 -15.69
N ALA A 82 -23.46 -15.71 -16.98
CA ALA A 82 -24.59 -16.42 -17.57
C ALA A 82 -24.45 -17.93 -17.44
N GLU A 83 -23.28 -18.45 -17.78
CA GLU A 83 -23.02 -19.89 -17.70
C GLU A 83 -23.13 -20.40 -16.27
N MSE A 84 -23.07 -19.51 -15.29
CA MSE A 84 -23.18 -19.90 -13.89
C MSE A 84 -24.63 -20.03 -13.50
O MSE A 84 -25.49 -19.37 -14.08
CB MSE A 84 -22.52 -18.86 -12.99
CG MSE A 84 -21.01 -18.95 -12.85
SE MSE A 84 -20.30 -17.31 -12.07
CE MSE A 84 -20.95 -17.46 -10.30
N ARG A 85 -24.91 -20.88 -12.52
CA ARG A 85 -26.29 -21.02 -12.05
C ARG A 85 -26.58 -19.71 -11.34
N PRO A 86 -27.64 -19.01 -11.77
CA PRO A 86 -28.04 -17.73 -11.19
C PRO A 86 -27.81 -17.63 -9.70
N SER A 87 -28.20 -18.65 -8.94
CA SER A 87 -28.02 -18.61 -7.50
C SER A 87 -26.55 -18.57 -7.12
N TYR A 88 -25.73 -19.34 -7.84
CA TYR A 88 -24.30 -19.39 -7.59
C TYR A 88 -23.67 -18.03 -7.89
N ALA A 89 -24.02 -17.45 -9.04
CA ALA A 89 -23.50 -16.15 -9.44
C ALA A 89 -23.82 -15.09 -8.39
N ALA A 90 -25.08 -15.06 -7.96
CA ALA A 90 -25.51 -14.10 -6.96
C ALA A 90 -24.69 -14.20 -5.68
N ASP A 91 -24.51 -15.42 -5.18
CA ASP A 91 -23.74 -15.61 -3.95
C ASP A 91 -22.31 -15.11 -4.12
N MSE A 92 -21.79 -15.27 -5.34
CA MSE A 92 -20.43 -14.87 -5.66
C MSE A 92 -20.33 -13.35 -5.73
O MSE A 92 -19.33 -12.77 -5.31
CB MSE A 92 -20.02 -15.52 -7.00
CG MSE A 92 -18.57 -15.34 -7.37
SE MSE A 92 -18.21 -13.66 -8.26
CE MSE A 92 -18.19 -14.30 -10.09
N LEU A 93 -21.37 -12.70 -6.26
CA LEU A 93 -21.38 -11.24 -6.35
C LEU A 93 -21.46 -10.67 -4.95
N ALA A 94 -22.18 -11.36 -4.08
CA ALA A 94 -22.35 -10.93 -2.70
C ALA A 94 -21.08 -11.11 -1.87
N GLU A 95 -20.12 -11.87 -2.39
CA GLU A 95 -18.88 -12.10 -1.65
C GLU A 95 -17.72 -11.24 -2.13
N MSE A 96 -17.83 -10.66 -3.32
CA MSE A 96 -16.78 -9.81 -3.86
C MSE A 96 -16.73 -8.53 -3.04
O MSE A 96 -17.66 -8.24 -2.27
CB MSE A 96 -17.07 -9.43 -5.32
CG MSE A 96 -17.06 -10.57 -6.32
SE MSE A 96 -17.74 -10.06 -8.09
CE MSE A 96 -16.35 -8.81 -8.61
N TYR A 97 -15.66 -7.76 -3.18
CA TYR A 97 -15.62 -6.48 -2.49
C TYR A 97 -16.62 -5.60 -3.21
N THR A 98 -17.40 -4.86 -2.45
CA THR A 98 -18.42 -4.01 -3.02
C THR A 98 -18.01 -3.18 -4.24
N ASP A 99 -16.87 -2.51 -4.19
CA ASP A 99 -16.50 -1.71 -5.34
C ASP A 99 -16.44 -2.57 -6.59
N ASN A 100 -15.89 -3.77 -6.47
CA ASN A 100 -15.77 -4.67 -7.61
C ASN A 100 -17.13 -5.22 -8.02
N ALA A 101 -18.01 -5.46 -7.05
CA ALA A 101 -19.34 -5.96 -7.37
C ALA A 101 -20.10 -4.92 -8.19
N VAL A 102 -20.15 -3.69 -7.68
CA VAL A 102 -20.84 -2.61 -8.37
C VAL A 102 -20.34 -2.48 -9.81
N ASP A 103 -19.03 -2.57 -10.01
CA ASP A 103 -18.48 -2.46 -11.35
C ASP A 103 -18.96 -3.58 -12.26
N LEU A 104 -18.92 -4.81 -11.75
CA LEU A 104 -19.36 -5.96 -12.54
C LEU A 104 -20.80 -5.70 -12.98
N LEU A 105 -21.67 -5.42 -12.02
CA LEU A 105 -23.07 -5.16 -12.32
C LEU A 105 -23.29 -4.09 -13.38
N ASN A 106 -22.57 -2.98 -13.27
CA ASN A 106 -22.71 -1.90 -14.25
C ASN A 106 -22.23 -2.31 -15.63
N MSE A 107 -21.62 -3.49 -15.74
CA MSE A 107 -21.13 -3.98 -17.02
C MSE A 107 -22.12 -4.91 -17.67
O MSE A 107 -22.26 -4.94 -18.90
CB MSE A 107 -19.78 -4.69 -16.84
CG MSE A 107 -18.62 -3.75 -16.64
SE MSE A 107 -18.29 -2.63 -18.19
CE MSE A 107 -19.53 -1.18 -17.82
N LEU A 108 -22.83 -5.69 -16.86
CA LEU A 108 -23.82 -6.62 -17.38
C LEU A 108 -24.95 -5.82 -18.00
N ASP A 109 -25.75 -6.48 -18.84
CA ASP A 109 -26.90 -5.84 -19.47
C ASP A 109 -27.88 -5.43 -18.39
N LYS A 110 -28.64 -4.36 -18.64
CA LYS A 110 -29.60 -3.87 -17.66
C LYS A 110 -30.48 -4.98 -17.06
N SER A 111 -30.73 -6.03 -17.83
CA SER A 111 -31.56 -7.15 -17.36
C SER A 111 -30.85 -8.01 -16.32
N GLN A 112 -29.67 -8.53 -16.67
CA GLN A 112 -28.90 -9.37 -15.76
C GLN A 112 -28.72 -8.67 -14.43
N LYS A 113 -28.30 -7.41 -14.48
CA LYS A 113 -28.08 -6.60 -13.28
C LYS A 113 -29.21 -6.66 -12.27
N ALA A 114 -30.45 -6.57 -12.75
CA ALA A 114 -31.60 -6.62 -11.83
C ALA A 114 -31.87 -8.05 -11.39
N LYS A 115 -31.72 -8.99 -12.33
CA LYS A 115 -31.98 -10.39 -12.01
C LYS A 115 -31.05 -10.92 -10.92
N TYR A 116 -29.75 -10.68 -11.06
CA TYR A 116 -28.79 -11.14 -10.06
C TYR A 116 -29.02 -10.40 -8.77
N LEU A 117 -29.29 -9.12 -8.88
CA LEU A 117 -29.56 -8.27 -7.74
C LEU A 117 -30.81 -8.73 -7.00
N SER A 118 -31.77 -9.26 -7.76
CA SER A 118 -33.01 -9.75 -7.17
C SER A 118 -32.75 -11.02 -6.36
N LEU A 119 -31.78 -11.80 -6.80
CA LEU A 119 -31.44 -13.06 -6.13
C LEU A 119 -30.78 -12.89 -4.76
N LEU A 120 -30.48 -11.64 -4.39
CA LEU A 120 -29.84 -11.35 -3.12
C LEU A 120 -30.80 -10.87 -2.04
N SER A 121 -30.52 -11.24 -0.80
CA SER A 121 -31.34 -10.81 0.32
C SER A 121 -31.11 -9.31 0.54
N SER A 122 -31.80 -8.75 1.53
CA SER A 122 -31.67 -7.33 1.83
C SER A 122 -30.28 -6.99 2.34
N GLU A 123 -29.77 -7.81 3.25
CA GLU A 123 -28.45 -7.59 3.82
C GLU A 123 -27.32 -7.82 2.82
N GLU A 124 -27.53 -8.78 1.91
CA GLU A 124 -26.51 -9.11 0.92
C GLU A 124 -26.35 -8.04 -0.17
N ALA A 125 -27.42 -7.32 -0.45
CA ALA A 125 -27.36 -6.29 -1.49
C ALA A 125 -27.20 -4.88 -0.94
N GLY A 126 -27.40 -4.73 0.37
CA GLY A 126 -27.30 -3.44 1.01
C GLY A 126 -26.20 -2.48 0.57
N GLU A 127 -24.94 -2.85 0.83
CA GLU A 127 -23.82 -1.98 0.45
C GLU A 127 -23.71 -1.79 -1.05
N ILE A 128 -23.99 -2.84 -1.82
CA ILE A 128 -23.93 -2.76 -3.27
C ILE A 128 -24.93 -1.72 -3.77
N LYS A 129 -26.10 -1.66 -3.13
CA LYS A 129 -27.12 -0.72 -3.55
C LYS A 129 -26.77 0.73 -3.26
N GLU A 130 -26.07 0.98 -2.16
CA GLU A 130 -25.69 2.34 -1.83
C GLU A 130 -24.70 2.88 -2.85
N LEU A 131 -23.59 2.19 -3.01
CA LEU A 131 -22.54 2.63 -3.93
C LEU A 131 -22.89 2.70 -5.40
N LEU A 132 -23.99 2.07 -5.79
CA LEU A 132 -24.42 2.11 -7.19
C LEU A 132 -24.94 3.50 -7.53
N HIS A 133 -25.34 4.23 -6.49
CA HIS A 133 -25.87 5.58 -6.63
C HIS A 133 -24.84 6.62 -7.05
N TYR A 134 -23.58 6.39 -6.69
CA TYR A 134 -22.51 7.33 -7.00
C TYR A 134 -22.16 7.44 -8.47
N GLU A 135 -21.98 8.69 -8.91
CA GLU A 135 -21.65 9.02 -10.28
C GLU A 135 -20.30 8.44 -10.67
N ASP A 136 -20.22 7.90 -11.88
CA ASP A 136 -18.99 7.35 -12.37
C ASP A 136 -17.86 8.39 -12.30
N GLU A 137 -16.69 7.93 -11.87
CA GLU A 137 -15.49 8.75 -11.77
C GLU A 137 -15.36 9.64 -10.55
N THR A 138 -16.23 9.43 -9.57
CA THR A 138 -16.18 10.18 -8.31
C THR A 138 -15.70 9.19 -7.24
N ALA A 139 -15.24 9.72 -6.12
CA ALA A 139 -14.75 8.89 -5.03
C ALA A 139 -15.73 7.78 -4.65
N GLY A 140 -17.02 8.10 -4.61
CA GLY A 140 -18.00 7.10 -4.25
C GLY A 140 -18.02 5.94 -5.23
N ALA A 141 -17.68 6.25 -6.47
CA ALA A 141 -17.66 5.27 -7.53
C ALA A 141 -16.43 4.37 -7.49
N ILE A 142 -15.35 4.79 -6.83
CA ILE A 142 -14.17 3.95 -6.81
C ILE A 142 -13.78 3.49 -5.40
N MSE A 143 -14.58 3.86 -4.41
CA MSE A 143 -14.31 3.47 -3.03
C MSE A 143 -14.97 2.13 -2.73
O MSE A 143 -15.74 1.61 -3.54
CB MSE A 143 -14.86 4.51 -2.06
CG MSE A 143 -16.38 4.50 -1.96
SE MSE A 143 -17.04 5.72 -0.63
CE MSE A 143 -18.81 4.94 -0.35
N THR A 144 -14.68 1.58 -1.56
CA THR A 144 -15.29 0.33 -1.15
C THR A 144 -15.59 0.40 0.34
N THR A 145 -16.52 -0.43 0.78
CA THR A 145 -16.98 -0.40 2.16
C THR A 145 -16.28 -1.23 3.23
N GLU A 146 -15.45 -2.19 2.83
CA GLU A 146 -14.82 -3.04 3.81
C GLU A 146 -13.58 -2.47 4.49
N PHE A 147 -13.79 -1.51 5.39
CA PHE A 147 -12.70 -0.86 6.14
C PHE A 147 -12.86 -1.16 7.63
N VAL A 148 -11.81 -0.91 8.39
CA VAL A 148 -11.85 -1.15 9.82
C VAL A 148 -12.03 0.15 10.60
N SER A 149 -13.06 0.20 11.44
CA SER A 149 -13.28 1.39 12.26
C SER A 149 -13.50 1.00 13.71
N ILE A 150 -13.01 1.82 14.61
CA ILE A 150 -13.16 1.58 16.05
C ILE A 150 -13.45 2.91 16.75
N VAL A 151 -13.77 2.84 18.03
CA VAL A 151 -14.05 4.05 18.81
C VAL A 151 -12.78 4.39 19.58
N ALA A 152 -12.66 5.67 19.95
CA ALA A 152 -11.51 6.17 20.68
C ALA A 152 -11.25 5.58 22.07
N ASN A 153 -12.26 5.62 22.95
CA ASN A 153 -12.11 5.13 24.33
C ASN A 153 -12.01 3.62 24.43
N GLN A 154 -11.11 3.05 23.65
CA GLN A 154 -10.88 1.62 23.63
C GLN A 154 -9.37 1.42 23.76
N THR A 155 -8.96 0.23 24.19
CA THR A 155 -7.55 -0.06 24.33
C THR A 155 -7.02 -0.72 23.06
N VAL A 156 -5.70 -0.72 22.90
CA VAL A 156 -5.10 -1.34 21.71
C VAL A 156 -5.39 -2.83 21.78
N ARG A 157 -5.38 -3.37 23.00
CA ARG A 157 -5.66 -4.79 23.20
C ARG A 157 -7.01 -5.11 22.57
N SER A 158 -7.97 -4.21 22.78
CA SER A 158 -9.31 -4.37 22.26
C SER A 158 -9.34 -4.16 20.75
N ALA A 159 -8.61 -3.16 20.26
CA ALA A 159 -8.55 -2.89 18.84
C ALA A 159 -7.89 -4.08 18.13
N MSE A 160 -6.83 -4.60 18.74
CA MSE A 160 -6.09 -5.73 18.21
C MSE A 160 -6.90 -7.01 18.19
O MSE A 160 -6.57 -7.96 17.49
CB MSE A 160 -4.80 -5.96 19.02
CG MSE A 160 -3.70 -4.92 18.79
SE MSE A 160 -2.95 -4.95 16.98
CE MSE A 160 -3.03 -6.84 16.68
N TYR A 161 -7.97 -7.05 18.99
CA TYR A 161 -8.81 -8.23 19.05
C TYR A 161 -9.69 -8.25 17.80
N VAL A 162 -10.20 -7.08 17.43
CA VAL A 162 -11.03 -6.96 16.24
C VAL A 162 -10.22 -7.44 15.05
N LEU A 163 -9.01 -6.90 14.94
CA LEU A 163 -8.12 -7.24 13.83
C LEU A 163 -7.88 -8.73 13.72
N LYS A 164 -7.45 -9.36 14.80
CA LYS A 164 -7.17 -10.78 14.77
C LYS A 164 -8.36 -11.71 14.56
N ASN A 165 -9.46 -11.44 15.26
CA ASN A 165 -10.64 -12.31 15.16
C ASN A 165 -11.87 -11.72 14.49
N GLN A 166 -11.82 -10.46 14.09
CA GLN A 166 -12.99 -9.85 13.46
C GLN A 166 -12.69 -8.92 12.27
N ALA A 167 -11.61 -9.17 11.55
CA ALA A 167 -11.26 -8.33 10.41
C ALA A 167 -10.91 -9.12 9.16
N ASP A 168 -11.54 -10.28 8.99
CA ASP A 168 -11.25 -11.12 7.83
C ASP A 168 -11.96 -10.58 6.58
N MSE A 169 -13.03 -9.84 6.79
CA MSE A 169 -13.78 -9.28 5.68
C MSE A 169 -13.17 -7.99 5.11
O MSE A 169 -13.40 -7.64 3.96
CB MSE A 169 -15.24 -9.03 6.09
CG MSE A 169 -15.47 -7.83 7.02
SE MSE A 169 -15.17 -8.13 8.93
CE MSE A 169 -16.83 -9.03 9.35
N ALA A 170 -12.40 -7.28 5.93
CA ALA A 170 -11.81 -6.00 5.53
C ALA A 170 -10.88 -5.99 4.32
N GLU A 171 -11.01 -4.95 3.49
CA GLU A 171 -10.14 -4.76 2.32
C GLU A 171 -8.72 -4.71 2.87
N THR A 172 -8.50 -3.77 3.78
CA THR A 172 -7.19 -3.61 4.39
C THR A 172 -7.37 -3.27 5.86
N ILE A 173 -6.38 -3.63 6.67
CA ILE A 173 -6.41 -3.36 8.09
C ILE A 173 -5.18 -2.54 8.42
N TYR A 174 -4.43 -2.15 7.38
CA TYR A 174 -3.20 -1.40 7.61
C TYR A 174 -3.41 0.01 8.09
N TYR A 175 -4.67 0.44 8.06
CA TYR A 175 -5.06 1.73 8.60
C TYR A 175 -6.31 1.42 9.38
N VAL A 176 -6.41 1.95 10.59
CA VAL A 176 -7.60 1.72 11.42
C VAL A 176 -8.22 3.08 11.65
N TYR A 177 -9.45 3.27 11.20
CA TYR A 177 -10.12 4.55 11.37
C TYR A 177 -10.88 4.63 12.68
N VAL A 178 -10.87 5.80 13.30
CA VAL A 178 -11.56 5.98 14.56
C VAL A 178 -12.78 6.85 14.35
N VAL A 179 -13.94 6.38 14.78
CA VAL A 179 -15.18 7.14 14.63
C VAL A 179 -15.87 7.26 15.99
N ASP A 180 -16.85 8.14 16.08
CA ASP A 180 -17.63 8.30 17.29
C ASP A 180 -18.89 7.48 17.09
N GLN A 181 -19.87 7.61 17.99
CA GLN A 181 -21.11 6.84 17.88
C GLN A 181 -21.87 7.08 16.58
N GLU A 182 -21.91 8.33 16.16
CA GLU A 182 -22.62 8.69 14.94
C GLU A 182 -21.84 8.36 13.68
N ASN A 183 -20.77 7.60 13.84
CA ASN A 183 -19.93 7.21 12.71
C ASN A 183 -19.22 8.40 12.07
N HIS A 184 -18.89 9.39 12.88
CA HIS A 184 -18.17 10.57 12.42
C HIS A 184 -16.70 10.18 12.45
N LEU A 185 -15.97 10.49 11.36
CA LEU A 185 -14.55 10.18 11.29
C LEU A 185 -13.81 11.19 12.15
N VAL A 186 -13.21 10.72 13.25
CA VAL A 186 -12.50 11.62 14.15
C VAL A 186 -11.02 11.34 14.33
N GLY A 187 -10.49 10.31 13.68
CA GLY A 187 -9.09 10.00 13.84
C GLY A 187 -8.64 8.79 13.06
N VAL A 188 -7.36 8.49 13.15
CA VAL A 188 -6.79 7.35 12.44
C VAL A 188 -5.48 6.91 13.09
N ILE A 189 -5.15 5.63 12.92
CA ILE A 189 -3.91 5.08 13.44
C ILE A 189 -3.47 3.95 12.51
N SER A 190 -2.23 4.00 12.05
CA SER A 190 -1.71 2.98 11.16
C SER A 190 -1.45 1.72 11.99
N LEU A 191 -1.50 0.56 11.35
CA LEU A 191 -1.28 -0.67 12.09
C LEU A 191 0.14 -0.70 12.63
N ARG A 192 1.09 -0.15 11.88
CA ARG A 192 2.48 -0.13 12.31
C ARG A 192 2.71 0.72 13.56
N ASP A 193 1.83 1.69 13.82
CA ASP A 193 1.97 2.51 15.01
C ASP A 193 1.28 1.78 16.14
N LEU A 194 0.21 1.10 15.77
CA LEU A 194 -0.58 0.33 16.72
C LEU A 194 0.20 -0.80 17.38
N ILE A 195 0.79 -1.68 16.58
CA ILE A 195 1.51 -2.82 17.14
C ILE A 195 2.67 -2.51 18.08
N VAL A 196 3.18 -1.29 18.06
CA VAL A 196 4.28 -0.95 18.95
C VAL A 196 3.80 -0.28 20.23
N ASN A 197 2.50 -0.32 20.49
CA ASN A 197 1.97 0.29 21.69
C ASN A 197 1.55 -0.77 22.70
N ASP A 198 1.52 -0.39 23.97
CA ASP A 198 1.15 -1.33 25.03
C ASP A 198 -0.31 -1.72 24.98
N ASP A 199 -0.58 -2.96 25.37
CA ASP A 199 -1.95 -3.48 25.39
C ASP A 199 -2.94 -2.56 26.09
N ASP A 200 -2.53 -2.01 27.22
CA ASP A 200 -3.40 -1.15 28.01
C ASP A 200 -3.58 0.29 27.50
N THR A 201 -2.70 0.74 26.61
CA THR A 201 -2.82 2.10 26.09
C THR A 201 -4.18 2.35 25.44
N LEU A 202 -4.70 3.55 25.62
CA LEU A 202 -5.99 3.91 25.03
C LEU A 202 -5.84 4.47 23.63
N ILE A 203 -6.58 3.88 22.69
CA ILE A 203 -6.56 4.31 21.30
C ILE A 203 -6.58 5.83 21.20
N ALA A 204 -7.44 6.45 22.02
CA ALA A 204 -7.59 7.90 22.03
C ALA A 204 -6.30 8.63 22.36
N ASP A 205 -5.38 7.95 23.02
CA ASP A 205 -4.12 8.56 23.39
C ASP A 205 -3.02 8.47 22.33
N ILE A 206 -3.16 7.54 21.39
CA ILE A 206 -2.14 7.39 20.36
C ILE A 206 -2.64 7.62 18.94
N LEU A 207 -3.94 7.87 18.78
CA LEU A 207 -4.53 8.09 17.46
C LEU A 207 -4.06 9.42 16.86
N ASN A 208 -4.19 9.57 15.55
CA ASN A 208 -3.79 10.81 14.90
C ASN A 208 -5.05 11.64 14.67
N GLU A 209 -5.06 12.87 15.17
CA GLU A 209 -6.21 13.75 15.01
C GLU A 209 -6.27 14.33 13.61
N ARG A 210 -5.12 14.52 12.98
CA ARG A 210 -5.08 15.09 11.63
C ARG A 210 -5.27 14.04 10.53
N VAL A 211 -6.41 13.36 10.56
CA VAL A 211 -6.70 12.35 9.56
C VAL A 211 -7.11 13.00 8.25
N ILE A 212 -6.47 12.57 7.17
CA ILE A 212 -6.72 13.09 5.83
C ILE A 212 -7.81 12.23 5.19
N SER A 213 -8.78 12.89 4.56
CA SER A 213 -9.87 12.19 3.91
C SER A 213 -10.34 12.99 2.71
N VAL A 214 -11.21 12.39 1.90
CA VAL A 214 -11.76 13.03 0.71
C VAL A 214 -13.27 12.93 0.80
N HIS A 215 -13.96 13.77 0.02
CA HIS A 215 -15.43 13.79 0.00
C HIS A 215 -15.93 12.82 -1.06
N VAL A 216 -17.02 12.14 -0.77
CA VAL A 216 -17.55 11.15 -1.70
C VAL A 216 -17.79 11.66 -3.14
N GLY A 217 -17.99 12.97 -3.29
CA GLY A 217 -18.24 13.52 -4.61
C GLY A 217 -17.01 14.07 -5.32
N ASP A 218 -15.84 13.99 -4.67
CA ASP A 218 -14.63 14.51 -5.30
C ASP A 218 -14.24 13.74 -6.53
N ASP A 219 -13.50 14.39 -7.42
CA ASP A 219 -13.07 13.79 -8.67
C ASP A 219 -11.91 12.82 -8.49
N GLN A 220 -12.05 11.61 -9.03
CA GLN A 220 -10.99 10.62 -8.91
C GLN A 220 -9.59 11.19 -9.10
N GLU A 221 -9.41 12.09 -10.06
CA GLU A 221 -8.08 12.65 -10.26
C GLU A 221 -7.58 13.35 -9.01
N ASP A 222 -8.47 14.02 -8.28
CA ASP A 222 -8.08 14.72 -7.06
C ASP A 222 -7.74 13.68 -6.01
N VAL A 223 -8.52 12.61 -5.97
CA VAL A 223 -8.29 11.54 -5.01
C VAL A 223 -6.92 10.95 -5.29
N ALA A 224 -6.66 10.66 -6.55
CA ALA A 224 -5.38 10.10 -6.96
C ALA A 224 -4.23 11.02 -6.52
N GLN A 225 -4.44 12.32 -6.64
CA GLN A 225 -3.40 13.28 -6.27
C GLN A 225 -3.09 13.22 -4.78
N THR A 226 -4.13 13.02 -3.97
CA THR A 226 -3.96 12.92 -2.53
C THR A 226 -3.13 11.68 -2.22
N ILE A 227 -3.42 10.59 -2.92
CA ILE A 227 -2.71 9.34 -2.68
C ILE A 227 -1.25 9.49 -3.11
N ARG A 228 -1.06 10.26 -4.17
CA ARG A 228 0.26 10.51 -4.73
C ARG A 228 1.06 11.37 -3.78
N ASP A 229 0.47 12.45 -3.28
CA ASP A 229 1.17 13.34 -2.36
C ASP A 229 1.47 12.75 -0.98
N TYR A 230 0.48 12.12 -0.36
CA TYR A 230 0.66 11.55 0.98
C TYR A 230 1.23 10.15 1.02
N ASP A 231 1.45 9.54 -0.14
CA ASP A 231 1.97 8.18 -0.21
C ASP A 231 1.16 7.22 0.68
N PHE A 232 -0.17 7.33 0.63
CA PHE A 232 -1.05 6.46 1.40
C PHE A 232 -1.44 5.23 0.59
N LEU A 233 -1.70 4.12 1.27
CA LEU A 233 -2.11 2.90 0.59
C LEU A 233 -3.63 2.87 0.57
N ALA A 234 -4.24 3.85 1.25
CA ALA A 234 -5.69 3.97 1.28
C ALA A 234 -6.07 5.34 1.84
N VAL A 235 -7.27 5.80 1.53
CA VAL A 235 -7.75 7.08 2.02
C VAL A 235 -9.24 7.02 2.28
N PRO A 236 -9.67 7.48 3.47
CA PRO A 236 -11.09 7.46 3.84
C PRO A 236 -11.97 8.44 3.06
N VAL A 237 -13.23 8.08 2.91
CA VAL A 237 -14.22 8.87 2.19
C VAL A 237 -15.38 9.21 3.10
N THR A 238 -15.83 10.46 3.06
CA THR A 238 -16.95 10.90 3.90
C THR A 238 -17.92 11.77 3.14
N ASP A 239 -19.03 12.12 3.80
CA ASP A 239 -20.01 13.03 3.21
C ASP A 239 -19.67 14.40 3.81
N TYR A 240 -20.46 15.42 3.49
CA TYR A 240 -20.17 16.74 4.02
C TYR A 240 -20.24 16.77 5.54
N ASP A 241 -20.92 15.80 6.13
CA ASP A 241 -21.05 15.73 7.58
C ASP A 241 -19.93 14.95 8.25
N ASP A 242 -18.98 14.49 7.45
CA ASP A 242 -17.85 13.72 7.96
C ASP A 242 -18.18 12.31 8.43
N HIS A 243 -19.17 11.69 7.81
CA HIS A 243 -19.54 10.32 8.15
C HIS A 243 -18.64 9.44 7.28
N LEU A 244 -17.96 8.48 7.90
CA LEU A 244 -17.06 7.58 7.17
C LEU A 244 -17.87 6.63 6.27
N LEU A 245 -17.75 6.82 4.96
CA LEU A 245 -18.48 5.99 4.02
C LEU A 245 -17.69 4.85 3.42
N GLY A 246 -16.41 5.08 3.18
CA GLY A 246 -15.59 4.03 2.61
C GLY A 246 -14.14 4.44 2.44
N ILE A 247 -13.40 3.64 1.70
CA ILE A 247 -12.00 3.92 1.45
C ILE A 247 -11.66 3.66 -0.01
N VAL A 248 -10.67 4.36 -0.49
CA VAL A 248 -10.19 4.22 -1.86
C VAL A 248 -8.76 3.72 -1.68
N THR A 249 -8.44 2.58 -2.28
CA THR A 249 -7.13 1.98 -2.15
C THR A 249 -6.16 2.30 -3.27
N VAL A 250 -4.86 2.27 -2.97
CA VAL A 250 -3.86 2.61 -3.96
C VAL A 250 -3.87 1.73 -5.21
N ASP A 251 -4.26 0.47 -5.08
CA ASP A 251 -4.27 -0.41 -6.25
C ASP A 251 -5.31 0.04 -7.28
N ASP A 252 -6.44 0.55 -6.81
CA ASP A 252 -7.47 1.03 -7.72
C ASP A 252 -7.08 2.40 -8.29
N ILE A 253 -6.40 3.21 -7.48
CA ILE A 253 -5.97 4.53 -7.93
C ILE A 253 -5.01 4.37 -9.08
N ILE A 254 -4.20 3.31 -9.04
CA ILE A 254 -3.27 3.11 -10.14
C ILE A 254 -4.05 2.90 -11.43
N ASP A 255 -5.14 2.15 -11.36
CA ASP A 255 -5.95 1.90 -12.56
C ASP A 255 -6.56 3.22 -13.01
N VAL A 256 -7.01 4.02 -12.06
CA VAL A 256 -7.58 5.32 -12.37
C VAL A 256 -6.52 6.14 -13.09
N ILE A 257 -5.30 6.16 -12.54
CA ILE A 257 -4.20 6.91 -13.15
C ILE A 257 -3.93 6.39 -14.55
N ASP A 258 -4.00 5.08 -14.72
CA ASP A 258 -3.76 4.49 -16.04
C ASP A 258 -4.82 4.99 -17.02
N ASP A 259 -6.05 5.12 -16.55
CA ASP A 259 -7.14 5.59 -17.40
C ASP A 259 -6.97 7.05 -17.80
N GLU A 260 -6.70 7.91 -16.82
CA GLU A 260 -6.53 9.32 -17.10
C GLU A 260 -5.44 9.58 -18.14
N ALA A 261 -4.36 8.81 -18.06
CA ALA A 261 -3.25 8.95 -19.00
C ALA A 261 -3.69 8.58 -20.41
N ALA A 262 -4.15 7.33 -20.57
CA ALA A 262 -4.60 6.85 -21.86
C ALA A 262 -5.63 7.80 -22.46
N SER A 263 -6.39 8.44 -21.58
CA SER A 263 -7.41 9.39 -22.04
C SER A 263 -6.79 10.54 -22.80
N GLU B 7 -7.56 26.95 6.27
CA GLU B 7 -7.54 25.59 6.88
C GLU B 7 -6.10 25.10 6.94
N MSE B 8 -5.45 25.11 5.78
CA MSE B 8 -4.06 24.70 5.66
C MSE B 8 -3.26 25.99 5.70
O MSE B 8 -2.13 26.03 6.20
CB MSE B 8 -3.83 24.00 4.33
CG MSE B 8 -2.38 23.60 4.05
SE MSE B 8 -1.71 22.32 5.34
CE MSE B 8 -2.77 20.80 4.82
N GLU B 9 -3.87 27.04 5.16
CA GLU B 9 -3.27 28.36 5.11
C GLU B 9 -3.16 28.92 6.52
N GLU B 10 -4.09 28.52 7.38
CA GLU B 10 -4.10 28.97 8.76
C GLU B 10 -2.97 28.30 9.55
N GLN B 11 -2.93 26.97 9.50
CA GLN B 11 -1.90 26.21 10.20
C GLN B 11 -0.52 26.77 9.87
N PHE B 12 -0.29 27.02 8.59
CA PHE B 12 0.99 27.57 8.14
C PHE B 12 1.28 28.93 8.74
N ALA B 13 0.22 29.73 8.94
CA ALA B 13 0.35 31.07 9.51
C ALA B 13 0.83 30.97 10.96
N LEU B 14 0.23 30.06 11.72
CA LEU B 14 0.62 29.86 13.11
C LEU B 14 2.05 29.34 13.20
N LEU B 15 2.48 28.64 12.15
CA LEU B 15 3.83 28.10 12.11
C LEU B 15 4.82 29.20 11.81
N LEU B 16 4.61 29.87 10.68
CA LEU B 16 5.47 30.96 10.27
C LEU B 16 5.62 31.92 11.44
N GLU B 17 4.54 32.11 12.19
CA GLU B 17 4.58 32.99 13.35
C GLU B 17 5.56 32.53 14.41
N THR B 18 5.54 31.24 14.74
CA THR B 18 6.45 30.72 15.75
C THR B 18 7.90 30.90 15.30
N LEU B 19 8.09 31.15 14.00
CA LEU B 19 9.42 31.35 13.45
C LEU B 19 9.85 32.79 13.63
N LYS B 20 8.97 33.72 13.27
CA LYS B 20 9.26 35.14 13.42
C LYS B 20 9.43 35.46 14.90
N ASN B 21 8.94 34.56 15.74
CA ASN B 21 9.02 34.70 17.20
C ASN B 21 10.13 33.83 17.77
N GLN B 22 10.59 32.88 16.98
CA GLN B 22 11.65 31.97 17.41
C GLN B 22 11.30 31.18 18.67
N GLN B 23 10.11 30.57 18.66
CA GLN B 23 9.64 29.75 19.78
C GLN B 23 9.81 28.29 19.39
N MSE B 24 11.05 27.84 19.37
CA MSE B 24 11.39 26.47 18.99
C MSE B 24 10.41 25.38 19.42
O MSE B 24 9.96 24.59 18.60
CB MSE B 24 12.79 26.11 19.48
CG MSE B 24 13.24 24.70 19.07
SE MSE B 24 15.04 24.20 19.60
CE MSE B 24 14.63 23.26 21.24
N ASN B 25 10.08 25.35 20.71
CA ASN B 25 9.17 24.32 21.21
C ASN B 25 7.77 24.35 20.60
N GLU B 26 7.17 25.53 20.51
CA GLU B 26 5.85 25.64 19.93
C GLU B 26 5.88 25.24 18.45
N PHE B 27 6.90 25.70 17.74
CA PHE B 27 7.08 25.38 16.33
C PHE B 27 7.14 23.86 16.10
N ARG B 28 8.00 23.18 16.86
CA ARG B 28 8.15 21.74 16.72
C ARG B 28 6.89 20.92 16.98
N GLU B 29 6.08 21.37 17.94
CA GLU B 29 4.87 20.64 18.28
C GLU B 29 3.83 20.76 17.16
N LEU B 30 3.80 21.91 16.50
CA LEU B 30 2.84 22.11 15.43
C LEU B 30 3.36 21.48 14.14
N PHE B 31 4.66 21.65 13.90
CA PHE B 31 5.30 21.14 12.69
C PHE B 31 5.33 19.62 12.63
N LEU B 32 5.74 18.99 13.72
CA LEU B 32 5.84 17.54 13.76
C LEU B 32 4.48 16.85 13.81
N ALA B 33 3.43 17.65 13.93
CA ALA B 33 2.08 17.10 13.96
C ALA B 33 1.60 16.90 12.53
N LEU B 34 2.25 17.58 11.60
CA LEU B 34 1.90 17.50 10.19
C LEU B 34 2.48 16.25 9.52
N HIS B 35 1.81 15.81 8.48
CA HIS B 35 2.26 14.67 7.71
C HIS B 35 3.47 15.21 6.93
N ILE B 36 4.47 14.38 6.69
CA ILE B 36 5.65 14.86 5.99
C ILE B 36 5.40 15.61 4.68
N TYR B 37 4.31 15.32 3.99
CA TYR B 37 4.03 16.04 2.75
C TYR B 37 3.70 17.50 3.04
N GLU B 38 2.91 17.74 4.09
CA GLU B 38 2.55 19.10 4.42
C GLU B 38 3.77 19.81 5.00
N GLN B 39 4.67 19.03 5.60
CA GLN B 39 5.90 19.60 6.13
C GLN B 39 6.70 20.12 4.93
N GLY B 40 6.76 19.31 3.88
CA GLY B 40 7.47 19.69 2.68
C GLY B 40 6.95 20.96 2.05
N GLN B 41 5.63 21.09 1.91
CA GLN B 41 5.05 22.29 1.32
C GLN B 41 5.40 23.51 2.17
N PHE B 42 5.18 23.41 3.48
CA PHE B 42 5.48 24.53 4.36
C PHE B 42 6.92 25.00 4.12
N TYR B 43 7.86 24.07 4.23
CA TYR B 43 9.28 24.33 4.01
C TYR B 43 9.53 25.05 2.68
N GLN B 44 9.05 24.44 1.61
CA GLN B 44 9.23 24.98 0.26
C GLN B 44 8.64 26.36 -0.02
N SER B 45 7.92 26.93 0.94
CA SER B 45 7.34 28.26 0.73
C SER B 45 8.04 29.29 1.61
N LEU B 46 9.16 28.90 2.19
CA LEU B 46 9.92 29.79 3.06
C LEU B 46 11.05 30.52 2.35
N ASP B 47 11.56 31.57 2.98
CA ASP B 47 12.67 32.31 2.42
C ASP B 47 13.93 31.76 3.06
N GLU B 48 15.09 32.20 2.61
CA GLU B 48 16.36 31.72 3.13
C GLU B 48 16.47 31.70 4.66
N LYS B 49 16.03 32.77 5.32
CA LYS B 49 16.16 32.84 6.78
C LYS B 49 15.22 32.04 7.68
N ASP B 50 13.97 31.86 7.29
CA ASP B 50 13.09 31.05 8.14
C ASP B 50 13.49 29.60 7.90
N ARG B 51 14.00 29.34 6.71
CA ARG B 51 14.45 28.01 6.36
C ARG B 51 15.63 27.69 7.29
N GLN B 52 16.53 28.66 7.45
CA GLN B 52 17.70 28.50 8.32
C GLN B 52 17.25 28.25 9.76
N HIS B 53 16.20 28.94 10.17
CA HIS B 53 15.67 28.76 11.52
C HIS B 53 15.20 27.32 11.67
N LEU B 54 14.58 26.84 10.62
CA LEU B 54 14.04 25.49 10.58
C LEU B 54 15.15 24.46 10.80
N TYR B 55 16.33 24.71 10.25
CA TYR B 55 17.46 23.79 10.41
C TYR B 55 17.93 23.78 11.86
N ASN B 56 17.69 24.88 12.57
CA ASN B 56 18.10 24.96 13.97
C ASN B 56 17.15 24.21 14.90
N TYR B 57 15.86 24.25 14.57
CA TYR B 57 14.84 23.62 15.40
C TYR B 57 14.55 22.16 15.06
N LEU B 58 15.15 21.67 13.98
CA LEU B 58 14.92 20.28 13.59
C LEU B 58 16.20 19.46 13.49
N SER B 59 16.14 18.25 14.03
CA SER B 59 17.27 17.35 13.99
C SER B 59 17.41 16.81 12.58
N PRO B 60 18.61 16.34 12.20
CA PRO B 60 18.85 15.80 10.86
C PRO B 60 17.85 14.71 10.44
N LYS B 61 17.59 13.75 11.32
CA LYS B 61 16.68 12.69 10.94
C LYS B 61 15.25 13.18 10.81
N GLU B 62 14.92 14.26 11.50
CA GLU B 62 13.58 14.81 11.41
C GLU B 62 13.48 15.51 10.06
N LEU B 63 14.50 16.28 9.71
CA LEU B 63 14.51 16.98 8.42
C LEU B 63 14.53 15.92 7.32
N ALA B 64 15.21 14.80 7.58
CA ALA B 64 15.29 13.73 6.60
C ALA B 64 13.89 13.16 6.33
N ASP B 65 13.13 12.94 7.41
CA ASP B 65 11.78 12.40 7.24
C ASP B 65 11.01 13.21 6.19
N MSE B 66 11.26 14.52 6.17
CA MSE B 66 10.57 15.40 5.23
C MSE B 66 11.21 15.37 3.83
O MSE B 66 10.49 15.30 2.83
CB MSE B 66 10.56 16.84 5.75
CG MSE B 66 10.13 17.86 4.71
SE MSE B 66 10.37 19.70 5.27
CE MSE B 66 12.26 19.86 4.96
N PHE B 67 12.53 15.45 3.75
CA PHE B 67 13.18 15.43 2.46
C PHE B 67 12.85 14.14 1.69
N ASP B 68 12.60 13.05 2.41
CA ASP B 68 12.24 11.79 1.79
C ASP B 68 11.17 12.01 0.73
N VAL B 69 10.25 12.94 0.95
CA VAL B 69 9.19 13.18 -0.01
C VAL B 69 9.35 14.45 -0.83
N ILE B 70 10.39 15.23 -0.54
CA ILE B 70 10.62 16.43 -1.33
C ILE B 70 11.12 15.92 -2.67
N GLU B 71 10.46 16.34 -3.73
CA GLU B 71 10.83 15.89 -5.05
C GLU B 71 12.18 16.39 -5.49
N GLU B 72 13.10 15.47 -5.70
CA GLU B 72 14.42 15.90 -6.21
C GLU B 72 13.91 16.30 -7.62
N ASP B 73 14.79 16.97 -8.38
CA ASP B 73 14.69 17.51 -9.72
C ASP B 73 14.24 19.01 -9.44
N ASN B 74 13.62 19.22 -8.29
CA ASN B 74 13.20 20.58 -7.79
C ASN B 74 14.56 21.31 -7.86
N GLU B 75 14.77 22.29 -8.75
CA GLU B 75 16.11 22.94 -8.86
C GLU B 75 16.66 23.57 -7.59
N ASN B 76 16.09 23.20 -6.46
CA ASN B 76 16.57 23.81 -5.26
C ASN B 76 17.43 22.99 -4.36
N MSE B 77 17.35 21.68 -4.49
CA MSE B 77 18.17 20.83 -3.67
C MSE B 77 19.60 21.36 -3.64
O MSE B 77 20.18 21.49 -2.57
CB MSE B 77 18.15 19.41 -4.20
CG MSE B 77 17.58 18.43 -3.18
SE MSE B 77 15.68 18.09 -3.41
CE MSE B 77 15.52 16.39 -2.45
N LYS B 78 20.15 21.70 -4.82
CA LYS B 78 21.53 22.16 -4.89
C LYS B 78 21.71 23.30 -3.92
N ASP B 79 20.72 24.18 -3.92
CA ASP B 79 20.76 25.34 -3.04
C ASP B 79 20.34 25.01 -1.60
N TYR B 80 19.37 24.12 -1.45
CA TYR B 80 18.90 23.70 -0.13
C TYR B 80 20.05 23.08 0.67
N LEU B 81 20.75 22.14 0.04
CA LEU B 81 21.87 21.46 0.67
C LEU B 81 23.04 22.41 0.89
N ALA B 82 23.31 23.23 -0.13
CA ALA B 82 24.42 24.19 -0.08
C ALA B 82 24.28 25.16 1.09
N GLU B 83 23.08 25.72 1.26
CA GLU B 83 22.84 26.69 2.33
C GLU B 83 22.87 26.12 3.74
N MSE B 84 22.90 24.79 3.87
CA MSE B 84 22.94 24.20 5.21
C MSE B 84 24.33 23.68 5.56
O MSE B 84 25.10 23.28 4.68
CB MSE B 84 21.87 23.11 5.38
CG MSE B 84 21.84 22.00 4.34
SE MSE B 84 20.49 20.63 4.71
CE MSE B 84 18.98 21.38 3.77
N ARG B 85 24.64 23.71 6.84
CA ARG B 85 25.94 23.26 7.35
C ARG B 85 26.31 21.86 6.87
N PRO B 86 27.42 21.72 6.15
CA PRO B 86 27.91 20.45 5.61
C PRO B 86 27.68 19.24 6.50
N SER B 87 28.16 19.29 7.73
CA SER B 87 27.99 18.16 8.64
C SER B 87 26.51 17.87 8.88
N TYR B 88 25.72 18.95 9.02
CA TYR B 88 24.30 18.82 9.23
C TYR B 88 23.67 18.14 8.02
N ALA B 89 23.95 18.68 6.83
CA ALA B 89 23.42 18.13 5.59
C ALA B 89 23.82 16.67 5.40
N ALA B 90 25.06 16.35 5.73
CA ALA B 90 25.56 14.98 5.60
C ALA B 90 24.79 14.03 6.52
N ASP B 91 24.57 14.47 7.75
CA ASP B 91 23.84 13.63 8.69
C ASP B 91 22.41 13.43 8.21
N MSE B 92 21.89 14.42 7.52
CA MSE B 92 20.52 14.37 7.01
C MSE B 92 20.40 13.38 5.85
O MSE B 92 19.35 12.76 5.65
CB MSE B 92 20.08 15.77 6.60
CG MSE B 92 18.61 15.90 6.31
SE MSE B 92 18.20 15.39 4.51
CE MSE B 92 18.20 17.15 3.71
N LEU B 93 21.47 13.22 5.09
CA LEU B 93 21.47 12.29 3.97
C LEU B 93 21.45 10.87 4.52
N ALA B 94 22.26 10.66 5.55
CA ALA B 94 22.39 9.36 6.19
C ALA B 94 21.11 8.88 6.89
N GLU B 95 20.16 9.78 7.07
CA GLU B 95 18.91 9.41 7.73
C GLU B 95 17.77 9.17 6.76
N MSE B 96 17.87 9.77 5.57
CA MSE B 96 16.83 9.59 4.56
C MSE B 96 16.82 8.13 4.15
O MSE B 96 17.79 7.41 4.37
CB MSE B 96 17.15 10.44 3.31
CG MSE B 96 17.31 11.93 3.56
SE MSE B 96 17.65 12.95 1.93
CE MSE B 96 19.40 12.24 1.51
N TYR B 97 15.72 7.67 3.56
CA TYR B 97 15.66 6.29 3.08
C TYR B 97 16.63 6.24 1.92
N THR B 98 17.39 5.15 1.82
CA THR B 98 18.39 4.99 0.79
C THR B 98 18.02 5.35 -0.63
N ASP B 99 16.85 4.92 -1.09
CA ASP B 99 16.48 5.25 -2.46
C ASP B 99 16.41 6.76 -2.67
N ASN B 100 15.87 7.48 -1.69
CA ASN B 100 15.77 8.93 -1.80
C ASN B 100 17.14 9.60 -1.66
N ALA B 101 17.98 9.10 -0.77
CA ALA B 101 19.30 9.70 -0.60
C ALA B 101 20.07 9.61 -1.92
N VAL B 102 20.01 8.45 -2.57
CA VAL B 102 20.70 8.26 -3.85
C VAL B 102 20.15 9.24 -4.89
N ASP B 103 18.83 9.40 -4.93
CA ASP B 103 18.23 10.31 -5.89
C ASP B 103 18.68 11.75 -5.70
N LEU B 104 18.80 12.18 -4.45
CA LEU B 104 19.21 13.56 -4.16
C LEU B 104 20.65 13.76 -4.61
N LEU B 105 21.51 12.84 -4.20
CA LEU B 105 22.92 12.90 -4.56
C LEU B 105 23.13 13.04 -6.07
N ASN B 106 22.40 12.24 -6.85
CA ASN B 106 22.54 12.27 -8.31
C ASN B 106 22.00 13.54 -8.94
N MSE B 107 21.41 14.41 -8.13
CA MSE B 107 20.88 15.67 -8.65
C MSE B 107 21.84 16.79 -8.30
O MSE B 107 21.69 17.93 -8.77
CB MSE B 107 19.50 15.96 -8.04
CG MSE B 107 18.38 15.10 -8.57
SE MSE B 107 18.17 15.20 -10.50
CE MSE B 107 17.59 17.03 -10.66
N LEU B 108 22.84 16.48 -7.47
CA LEU B 108 23.83 17.45 -7.04
C LEU B 108 25.06 17.46 -7.93
N ASP B 109 25.75 18.59 -7.95
CA ASP B 109 26.95 18.76 -8.75
C ASP B 109 27.98 17.71 -8.33
N LYS B 110 28.57 17.06 -9.33
CA LYS B 110 29.57 16.03 -9.10
C LYS B 110 30.48 16.33 -7.91
N SER B 111 30.73 17.60 -7.65
CA SER B 111 31.58 18.01 -6.53
C SER B 111 30.83 17.83 -5.21
N GLN B 112 29.67 18.45 -5.13
CA GLN B 112 28.84 18.39 -3.94
C GLN B 112 28.58 16.94 -3.53
N LYS B 113 28.28 16.09 -4.51
CA LYS B 113 28.02 14.68 -4.22
C LYS B 113 29.20 14.09 -3.45
N ALA B 114 30.41 14.33 -3.96
CA ALA B 114 31.63 13.84 -3.33
C ALA B 114 31.80 14.46 -1.95
N LYS B 115 31.50 15.75 -1.88
CA LYS B 115 31.59 16.54 -0.65
C LYS B 115 30.85 15.88 0.52
N TYR B 116 29.54 15.74 0.38
CA TYR B 116 28.74 15.13 1.44
C TYR B 116 29.06 13.65 1.62
N LEU B 117 29.32 12.97 0.50
CA LEU B 117 29.64 11.56 0.51
C LEU B 117 30.84 11.29 1.41
N SER B 118 31.90 12.07 1.23
CA SER B 118 33.11 11.92 2.01
C SER B 118 32.90 12.23 3.48
N LEU B 119 31.97 13.13 3.77
CA LEU B 119 31.65 13.51 5.15
C LEU B 119 30.89 12.43 5.92
N LEU B 120 30.67 11.28 5.28
CA LEU B 120 29.95 10.17 5.92
C LEU B 120 30.88 9.01 6.25
N SER B 121 30.59 8.34 7.36
CA SER B 121 31.37 7.20 7.79
C SER B 121 31.17 6.09 6.77
N SER B 122 31.92 5.00 6.92
CA SER B 122 31.79 3.87 6.01
C SER B 122 30.39 3.30 6.10
N GLU B 123 29.88 3.17 7.32
CA GLU B 123 28.55 2.61 7.52
C GLU B 123 27.44 3.55 7.07
N GLU B 124 27.56 4.84 7.39
CA GLU B 124 26.53 5.81 7.00
C GLU B 124 26.30 5.83 5.50
N ALA B 125 27.35 5.61 4.73
CA ALA B 125 27.26 5.66 3.26
C ALA B 125 27.18 4.31 2.56
N GLY B 126 27.28 3.22 3.33
CA GLY B 126 27.22 1.90 2.74
C GLY B 126 26.19 1.67 1.65
N GLU B 127 24.94 1.46 2.06
CA GLU B 127 23.86 1.20 1.11
C GLU B 127 23.72 2.29 0.07
N ILE B 128 24.07 3.52 0.44
CA ILE B 128 23.98 4.63 -0.48
C ILE B 128 24.86 4.32 -1.69
N LYS B 129 26.10 3.95 -1.42
CA LYS B 129 27.06 3.66 -2.49
C LYS B 129 26.72 2.40 -3.27
N GLU B 130 26.02 1.46 -2.64
CA GLU B 130 25.65 0.23 -3.35
C GLU B 130 24.63 0.56 -4.43
N LEU B 131 23.55 1.22 -4.04
CA LEU B 131 22.49 1.56 -4.98
C LEU B 131 22.84 2.69 -5.94
N LEU B 132 23.93 3.39 -5.69
CA LEU B 132 24.36 4.47 -6.57
C LEU B 132 24.85 3.91 -7.91
N HIS B 133 25.34 2.67 -7.90
CA HIS B 133 25.85 2.06 -9.12
C HIS B 133 24.78 1.43 -10.01
N TYR B 134 23.52 1.47 -9.59
CA TYR B 134 22.45 0.91 -10.39
C TYR B 134 22.04 1.87 -11.50
N GLU B 135 21.96 1.32 -12.71
CA GLU B 135 21.60 2.13 -13.86
C GLU B 135 20.21 2.72 -13.72
N ASP B 136 20.10 3.98 -14.13
CA ASP B 136 18.86 4.72 -14.08
C ASP B 136 17.75 3.94 -14.78
N GLU B 137 16.57 3.94 -14.16
CA GLU B 137 15.38 3.28 -14.68
C GLU B 137 15.28 1.76 -14.52
N THR B 138 16.18 1.17 -13.74
CA THR B 138 16.12 -0.27 -13.49
C THR B 138 15.55 -0.44 -12.08
N ALA B 139 15.26 -1.68 -11.70
CA ALA B 139 14.71 -1.95 -10.37
C ALA B 139 15.65 -1.42 -9.29
N GLY B 140 16.94 -1.71 -9.45
CA GLY B 140 17.92 -1.27 -8.49
C GLY B 140 17.93 0.23 -8.28
N ALA B 141 17.62 0.95 -9.35
CA ALA B 141 17.61 2.40 -9.30
C ALA B 141 16.38 2.96 -8.60
N ILE B 142 15.31 2.17 -8.44
CA ILE B 142 14.12 2.68 -7.76
C ILE B 142 13.78 1.91 -6.48
N MSE B 143 14.64 0.99 -6.08
CA MSE B 143 14.39 0.21 -4.86
C MSE B 143 15.05 0.85 -3.64
O MSE B 143 15.83 1.81 -3.75
CB MSE B 143 14.92 -1.21 -5.01
CG MSE B 143 16.43 -1.29 -4.82
SE MSE B 143 17.21 -3.04 -5.16
CE MSE B 143 19.04 -2.56 -4.96
N THR B 144 14.76 0.31 -2.47
CA THR B 144 15.39 0.79 -1.25
C THR B 144 15.68 -0.44 -0.39
N THR B 145 16.60 -0.27 0.55
CA THR B 145 17.06 -1.36 1.40
C THR B 145 16.36 -1.60 2.74
N GLU B 146 15.58 -0.65 3.22
CA GLU B 146 14.93 -0.81 4.51
C GLU B 146 13.72 -1.74 4.54
N PHE B 147 13.94 -3.01 4.20
CA PHE B 147 12.88 -4.04 4.20
C PHE B 147 13.11 -4.94 5.40
N VAL B 148 12.07 -5.65 5.82
CA VAL B 148 12.18 -6.55 6.94
C VAL B 148 12.26 -8.00 6.47
N SER B 149 13.27 -8.72 6.93
CA SER B 149 13.45 -10.11 6.58
C SER B 149 13.61 -10.94 7.84
N ILE B 150 13.14 -12.18 7.80
CA ILE B 150 13.22 -13.09 8.92
C ILE B 150 13.55 -14.49 8.38
N VAL B 151 13.75 -15.44 9.28
CA VAL B 151 14.05 -16.81 8.90
C VAL B 151 12.80 -17.66 9.13
N ALA B 152 12.65 -18.73 8.35
CA ALA B 152 11.49 -19.60 8.43
C ALA B 152 11.25 -20.34 9.74
N ASN B 153 12.31 -20.73 10.43
CA ASN B 153 12.15 -21.50 11.66
C ASN B 153 12.10 -20.72 12.96
N GLN B 154 10.98 -20.02 13.16
CA GLN B 154 10.76 -19.24 14.36
C GLN B 154 9.26 -19.06 14.52
N THR B 155 8.85 -18.64 15.71
CA THR B 155 7.43 -18.47 15.97
C THR B 155 6.95 -17.11 15.47
N VAL B 156 5.63 -16.98 15.39
CA VAL B 156 5.02 -15.75 14.98
C VAL B 156 5.46 -14.74 16.05
N ARG B 157 5.37 -15.14 17.30
CA ARG B 157 5.77 -14.28 18.41
C ARG B 157 7.18 -13.73 18.16
N SER B 158 8.08 -14.59 17.71
CA SER B 158 9.46 -14.17 17.42
C SER B 158 9.44 -13.15 16.29
N ALA B 159 8.66 -13.43 15.26
CA ALA B 159 8.53 -12.52 14.12
C ALA B 159 8.01 -11.16 14.56
N MSE B 160 6.91 -11.18 15.32
CA MSE B 160 6.32 -9.93 15.81
C MSE B 160 7.35 -9.12 16.57
O MSE B 160 7.44 -7.90 16.41
CB MSE B 160 5.10 -10.22 16.70
CG MSE B 160 3.83 -10.62 15.94
SE MSE B 160 3.24 -9.32 14.60
CE MSE B 160 2.89 -7.81 15.75
N TYR B 161 8.14 -9.79 17.40
CA TYR B 161 9.17 -9.12 18.17
C TYR B 161 10.06 -8.32 17.22
N VAL B 162 10.52 -8.96 16.15
CA VAL B 162 11.38 -8.30 15.16
C VAL B 162 10.66 -7.13 14.49
N LEU B 163 9.40 -7.36 14.15
CA LEU B 163 8.59 -6.35 13.49
C LEU B 163 8.48 -5.06 14.29
N LYS B 164 8.17 -5.18 15.57
CA LYS B 164 8.04 -4.02 16.44
C LYS B 164 9.34 -3.21 16.47
N ASN B 165 10.47 -3.91 16.56
CA ASN B 165 11.78 -3.27 16.60
C ASN B 165 12.13 -2.54 15.29
N GLN B 166 11.57 -3.02 14.17
CA GLN B 166 11.83 -2.43 12.86
C GLN B 166 10.84 -1.36 12.43
N ALA B 167 9.69 -1.32 13.09
CA ALA B 167 8.65 -0.35 12.76
C ALA B 167 9.20 1.04 12.45
N ASP B 168 9.94 1.60 13.40
CA ASP B 168 10.52 2.93 13.28
C ASP B 168 11.52 3.14 12.13
N MSE B 169 12.24 2.10 11.75
CA MSE B 169 13.24 2.23 10.69
C MSE B 169 12.89 1.71 9.30
O MSE B 169 13.24 2.33 8.31
CB MSE B 169 14.55 1.59 11.14
CG MSE B 169 14.35 0.29 11.90
SE MSE B 169 15.99 -0.59 12.33
CE MSE B 169 17.00 0.95 12.97
N ALA B 170 12.21 0.58 9.23
CA ALA B 170 11.87 0.00 7.93
C ALA B 170 11.01 0.87 7.01
N GLU B 171 11.15 0.63 5.71
CA GLU B 171 10.39 1.33 4.67
C GLU B 171 8.94 0.92 4.88
N THR B 172 8.73 -0.38 5.12
CA THR B 172 7.40 -0.93 5.36
C THR B 172 7.51 -2.24 6.14
N ILE B 173 6.54 -2.54 6.99
CA ILE B 173 6.55 -3.80 7.73
C ILE B 173 5.32 -4.61 7.37
N TYR B 174 4.61 -4.17 6.34
CA TYR B 174 3.40 -4.89 5.94
C TYR B 174 3.63 -6.17 5.14
N TYR B 175 4.81 -6.28 4.55
CA TYR B 175 5.19 -7.52 3.86
C TYR B 175 6.51 -7.85 4.55
N VAL B 176 6.63 -9.08 5.04
CA VAL B 176 7.85 -9.51 5.70
C VAL B 176 8.46 -10.61 4.84
N TYR B 177 9.69 -10.42 4.42
CA TYR B 177 10.33 -11.41 3.58
C TYR B 177 11.13 -12.47 4.36
N VAL B 178 11.03 -13.71 3.90
CA VAL B 178 11.73 -14.80 4.56
C VAL B 178 12.96 -15.15 3.74
N VAL B 179 14.14 -15.06 4.34
CA VAL B 179 15.39 -15.38 3.66
C VAL B 179 16.07 -16.54 4.38
N ASP B 180 16.96 -17.26 3.69
CA ASP B 180 17.65 -18.33 4.36
C ASP B 180 18.92 -17.79 4.97
N GLN B 181 19.73 -18.70 5.50
CA GLN B 181 20.99 -18.37 6.14
C GLN B 181 21.91 -17.56 5.23
N GLU B 182 21.83 -17.83 3.93
CA GLU B 182 22.66 -17.12 2.96
C GLU B 182 22.00 -15.87 2.37
N ASN B 183 20.83 -15.52 2.91
CA ASN B 183 20.08 -14.35 2.47
C ASN B 183 19.38 -14.55 1.13
N HIS B 184 19.03 -15.80 0.85
CA HIS B 184 18.31 -16.16 -0.37
C HIS B 184 16.83 -15.94 -0.08
N LEU B 185 16.13 -15.27 -0.99
CA LEU B 185 14.69 -15.03 -0.82
C LEU B 185 13.94 -16.35 -0.99
N VAL B 186 13.39 -16.88 0.10
CA VAL B 186 12.69 -18.15 0.03
C VAL B 186 11.18 -18.05 0.27
N GLY B 187 10.71 -16.92 0.77
CA GLY B 187 9.28 -16.80 1.00
C GLY B 187 8.82 -15.42 1.44
N VAL B 188 7.54 -15.31 1.76
CA VAL B 188 7.00 -14.04 2.17
C VAL B 188 5.73 -14.22 2.98
N ILE B 189 5.44 -13.27 3.85
CA ILE B 189 4.23 -13.31 4.66
C ILE B 189 3.84 -11.88 4.99
N SER B 190 2.55 -11.56 4.93
CA SER B 190 2.09 -10.21 5.22
C SER B 190 1.84 -10.06 6.71
N LEU B 191 2.00 -8.84 7.23
CA LEU B 191 1.77 -8.60 8.65
C LEU B 191 0.34 -9.03 8.96
N ARG B 192 -0.54 -8.91 7.97
CA ARG B 192 -1.93 -9.29 8.16
C ARG B 192 -2.06 -10.79 8.50
N ASP B 193 -1.27 -11.64 7.86
CA ASP B 193 -1.33 -13.06 8.14
C ASP B 193 -0.69 -13.34 9.51
N LEU B 194 0.32 -12.57 9.86
CA LEU B 194 0.97 -12.75 11.15
C LEU B 194 -0.02 -12.49 12.26
N ILE B 195 -0.67 -11.33 12.20
CA ILE B 195 -1.63 -10.91 13.21
C ILE B 195 -2.77 -11.89 13.51
N VAL B 196 -3.22 -12.65 12.52
CA VAL B 196 -4.32 -13.58 12.73
C VAL B 196 -3.90 -15.02 13.04
N ASN B 197 -2.60 -15.24 13.20
CA ASN B 197 -2.10 -16.57 13.51
C ASN B 197 -1.69 -16.62 14.97
N ASP B 198 -1.70 -17.82 15.55
CA ASP B 198 -1.32 -17.97 16.95
C ASP B 198 0.17 -17.71 17.13
N ASP B 199 0.51 -17.07 18.24
CA ASP B 199 1.90 -16.74 18.56
C ASP B 199 2.84 -17.96 18.55
N ASP B 200 2.27 -19.15 18.65
CA ASP B 200 3.07 -20.38 18.66
C ASP B 200 3.36 -20.89 17.27
N THR B 201 2.43 -20.64 16.35
CA THR B 201 2.56 -21.08 14.97
C THR B 201 3.96 -20.77 14.43
N LEU B 202 4.50 -21.71 13.66
CA LEU B 202 5.83 -21.54 13.08
C LEU B 202 5.74 -20.80 11.76
N ILE B 203 6.64 -19.84 11.55
CA ILE B 203 6.64 -19.06 10.33
C ILE B 203 6.62 -19.97 9.10
N ALA B 204 7.44 -21.02 9.12
CA ALA B 204 7.52 -21.96 8.00
C ALA B 204 6.21 -22.65 7.64
N ASP B 205 5.25 -22.63 8.55
CA ASP B 205 3.97 -23.28 8.29
C ASP B 205 2.92 -22.35 7.68
N ILE B 206 3.14 -21.05 7.77
CA ILE B 206 2.18 -20.10 7.24
C ILE B 206 2.74 -19.16 6.17
N LEU B 207 4.05 -19.23 5.92
CA LEU B 207 4.68 -18.39 4.91
C LEU B 207 4.25 -18.80 3.50
N ASN B 208 4.28 -17.86 2.56
CA ASN B 208 3.90 -18.17 1.19
C ASN B 208 5.13 -18.56 0.40
N GLU B 209 5.08 -19.76 -0.16
CA GLU B 209 6.18 -20.31 -0.94
C GLU B 209 6.35 -19.66 -2.31
N ARG B 210 5.22 -19.39 -2.96
CA ARG B 210 5.22 -18.77 -4.28
C ARG B 210 5.48 -17.28 -4.14
N VAL B 211 6.74 -16.91 -3.92
CA VAL B 211 7.07 -15.50 -3.77
C VAL B 211 7.39 -14.83 -5.08
N ILE B 212 6.69 -13.74 -5.37
CA ILE B 212 6.92 -12.99 -6.61
C ILE B 212 8.03 -11.98 -6.37
N SER B 213 8.98 -11.90 -7.31
CA SER B 213 10.09 -10.97 -7.20
C SER B 213 10.50 -10.48 -8.59
N VAL B 214 11.39 -9.51 -8.63
CA VAL B 214 11.89 -8.99 -9.90
C VAL B 214 13.41 -8.95 -9.78
N HIS B 215 14.11 -8.74 -10.89
CA HIS B 215 15.58 -8.71 -10.85
C HIS B 215 16.10 -7.29 -10.78
N VAL B 216 17.26 -7.10 -10.16
CA VAL B 216 17.83 -5.75 -10.03
C VAL B 216 17.90 -4.98 -11.34
N GLY B 217 18.18 -5.70 -12.43
CA GLY B 217 18.30 -5.06 -13.73
C GLY B 217 17.02 -4.89 -14.54
N ASP B 218 15.89 -5.37 -14.03
CA ASP B 218 14.64 -5.24 -14.77
C ASP B 218 14.25 -3.80 -15.04
N ASP B 219 13.54 -3.57 -16.12
CA ASP B 219 13.10 -2.22 -16.47
C ASP B 219 11.98 -1.80 -15.54
N GLN B 220 12.03 -0.56 -15.05
CA GLN B 220 10.99 -0.10 -14.13
C GLN B 220 9.57 -0.34 -14.64
N GLU B 221 9.39 -0.22 -15.95
CA GLU B 221 8.09 -0.42 -16.59
C GLU B 221 7.53 -1.82 -16.30
N ASP B 222 8.42 -2.81 -16.35
CA ASP B 222 8.03 -4.18 -16.08
C ASP B 222 7.73 -4.34 -14.58
N VAL B 223 8.48 -3.63 -13.75
CA VAL B 223 8.27 -3.69 -12.32
C VAL B 223 6.90 -3.06 -12.04
N ALA B 224 6.62 -1.97 -12.74
CA ALA B 224 5.35 -1.28 -12.58
C ALA B 224 4.20 -2.21 -12.95
N GLN B 225 4.40 -2.99 -14.02
CA GLN B 225 3.36 -3.91 -14.46
C GLN B 225 3.07 -4.99 -13.40
N THR B 226 4.14 -5.54 -12.80
CA THR B 226 3.99 -6.57 -11.78
C THR B 226 3.22 -6.04 -10.57
N ILE B 227 3.53 -4.82 -10.14
CA ILE B 227 2.87 -4.24 -8.98
C ILE B 227 1.39 -3.97 -9.30
N ARG B 228 1.15 -3.60 -10.56
CA ARG B 228 -0.19 -3.30 -11.07
C ARG B 228 -1.04 -4.59 -11.09
N ASP B 229 -0.50 -5.68 -11.61
CA ASP B 229 -1.26 -6.93 -11.68
C ASP B 229 -1.52 -7.62 -10.34
N TYR B 230 -0.48 -7.75 -9.51
CA TYR B 230 -0.63 -8.43 -8.23
C TYR B 230 -1.12 -7.55 -7.09
N ASP B 231 -1.40 -6.28 -7.39
CA ASP B 231 -1.86 -5.32 -6.38
C ASP B 231 -0.96 -5.32 -5.14
N PHE B 232 0.36 -5.23 -5.35
CA PHE B 232 1.31 -5.25 -4.25
C PHE B 232 1.62 -3.87 -3.70
N LEU B 233 1.88 -3.81 -2.39
CA LEU B 233 2.25 -2.56 -1.74
C LEU B 233 3.73 -2.42 -1.98
N ALA B 234 4.40 -3.55 -2.17
CA ALA B 234 5.83 -3.58 -2.43
C ALA B 234 6.21 -4.88 -3.11
N VAL B 235 7.39 -4.91 -3.72
CA VAL B 235 7.88 -6.10 -4.39
C VAL B 235 9.39 -6.23 -4.12
N PRO B 236 9.85 -7.43 -3.76
CA PRO B 236 11.27 -7.67 -3.47
C PRO B 236 12.12 -7.73 -4.73
N VAL B 237 13.39 -7.38 -4.59
CA VAL B 237 14.34 -7.37 -5.69
C VAL B 237 15.53 -8.24 -5.36
N THR B 238 15.93 -9.07 -6.31
CA THR B 238 17.06 -9.97 -6.11
C THR B 238 18.04 -9.91 -7.28
N ASP B 239 19.15 -10.64 -7.15
CA ASP B 239 20.13 -10.73 -8.21
C ASP B 239 19.84 -12.08 -8.86
N TYR B 240 20.68 -12.52 -9.78
CA TYR B 240 20.45 -13.81 -10.42
C TYR B 240 20.50 -14.98 -9.45
N ASP B 241 21.24 -14.83 -8.36
CA ASP B 241 21.37 -15.89 -7.38
C ASP B 241 20.28 -15.85 -6.31
N ASP B 242 19.30 -15.00 -6.53
CA ASP B 242 18.17 -14.86 -5.60
C ASP B 242 18.48 -14.19 -4.27
N HIS B 243 19.56 -13.43 -4.21
CA HIS B 243 19.89 -12.74 -2.98
C HIS B 243 18.99 -11.52 -2.89
N LEU B 244 18.25 -11.41 -1.79
CA LEU B 244 17.34 -10.29 -1.58
C LEU B 244 18.11 -9.00 -1.40
N LEU B 245 17.98 -8.10 -2.38
CA LEU B 245 18.70 -6.84 -2.39
C LEU B 245 17.90 -5.62 -1.97
N GLY B 246 16.58 -5.71 -2.06
CA GLY B 246 15.78 -4.58 -1.67
C GLY B 246 14.33 -4.69 -2.05
N ILE B 247 13.61 -3.58 -1.96
CA ILE B 247 12.19 -3.57 -2.30
C ILE B 247 11.79 -2.32 -3.05
N VAL B 248 10.84 -2.47 -3.95
CA VAL B 248 10.31 -1.34 -4.72
C VAL B 248 8.89 -1.16 -4.22
N THR B 249 8.60 0.01 -3.66
CA THR B 249 7.29 0.28 -3.09
C THR B 249 6.31 0.97 -4.03
N VAL B 250 5.03 0.73 -3.80
CA VAL B 250 3.96 1.26 -4.64
C VAL B 250 3.94 2.78 -4.78
N ASP B 251 4.23 3.51 -3.71
CA ASP B 251 4.21 4.97 -3.79
C ASP B 251 5.22 5.48 -4.80
N ASP B 252 6.34 4.79 -4.94
CA ASP B 252 7.34 5.22 -5.90
C ASP B 252 7.01 4.73 -7.30
N ILE B 253 6.39 3.56 -7.40
CA ILE B 253 6.03 3.03 -8.69
C ILE B 253 5.03 3.98 -9.35
N ILE B 254 4.23 4.66 -8.53
CA ILE B 254 3.26 5.61 -9.07
C ILE B 254 3.97 6.79 -9.76
N ASP B 255 5.08 7.25 -9.17
CA ASP B 255 5.84 8.35 -9.78
C ASP B 255 6.42 7.82 -11.10
N VAL B 256 6.88 6.57 -11.10
CA VAL B 256 7.43 5.96 -12.30
C VAL B 256 6.37 5.95 -13.39
N ILE B 257 5.18 5.53 -13.02
CA ILE B 257 4.06 5.46 -13.94
C ILE B 257 3.73 6.85 -14.47
N ASP B 258 3.72 7.85 -13.61
CA ASP B 258 3.43 9.21 -14.05
C ASP B 258 4.48 9.56 -15.11
N ASP B 259 5.75 9.28 -14.78
CA ASP B 259 6.84 9.56 -15.69
C ASP B 259 6.68 8.85 -17.04
N GLU B 260 6.52 7.53 -17.00
CA GLU B 260 6.37 6.77 -18.24
C GLU B 260 5.26 7.31 -19.15
N ALA B 261 4.20 7.83 -18.55
CA ALA B 261 3.08 8.37 -19.32
C ALA B 261 3.56 9.46 -20.26
N ALA B 262 2.91 10.61 -20.23
CA ALA B 262 3.32 11.72 -21.08
C ALA B 262 4.76 12.05 -20.72
MG MG C . 3.84 9.97 -3.85
MG MG D . -16.80 1.54 -9.17
MG MG E . -5.87 6.38 5.28
MG MG F . -10.85 -1.98 -4.60
MG MG G . -12.06 -3.70 -11.88
MG MG H . -4.05 -3.89 -10.03
MG MG I . 16.28 6.14 -7.43
MG MG J . 12.04 11.20 -5.17
MG MG K . 11.92 3.73 -18.84
MG MG L . 10.80 4.88 -1.63
#